data_3VKT
#
_entry.id   3VKT
#
_cell.length_a   133.514
_cell.length_b   133.514
_cell.length_c   77.660
_cell.angle_alpha   90.000
_cell.angle_beta   90.000
_cell.angle_gamma   90.000
#
_symmetry.space_group_name_H-M   'P 4 21 2'
#
loop_
_entity.id
_entity.type
_entity.pdbx_description
1 polymer 'Nitrite reductase'
2 non-polymer SIROHEME
3 non-polymer 'IRON/SULFUR CLUSTER'
4 non-polymer 'POTASSIUM ION'
5 non-polymer 'CHLORIDE ION'
6 non-polymer HYDROXYAMINE
7 water water
#
_entity_poly.entity_id   1
_entity_poly.type   'polypeptide(L)'
_entity_poly.pdbx_seq_one_letter_code
;MGHHHHHHHHHHSSGHIEGRHMFSKNAVKLHATPPSVAAPPTGAPEVAAERLEPRVEEKDGYWILKEQFRKGINPQEKVK
IEKEPMKLFMENGIEELAKIPIEEIDQSKLTKDDIDVRLKWLGLFHRRKNQYGRFMMRLKLPNGVTTSAQTRYLASVIRK
YGKEGCADITTRQNWQIRGVVLPDVPEILKGLAEVGLTSLQSGMDNVRNPVGNPLAGIDPEEIVDTRPYTNLLSQFITGN
SRGNPAVSNLPRKWNPCVVGSHDLYEHPHINDLAYMPATKDGRFGFNLLVGGFFSAKRCDEAIPLDAWVPADDVVPVCRA
ILEAFRDLGFRGNRQKCRMMWLIDELGVEGFRAEVEKRMPQQQLERASPEDLVQKQWERRDYLGVHPQKQEGYSFIGLHI
PVGRVQADDMDELARLADEYGSGEIRLTVEQNIIIPNIETSKIEALLKEPVLSTFSPDPPILMKGLVACTGNQFCGQAII
ETKARSLKITEEVQRQVSLTKPVRMHWTGCPNTCAQVQVADIGFMGCLTRDKNGKTVEGADVFLGGRIGSDSHLGEVYKK
AVPCDDLVPLVVDLLVNNFGAVPREREETED
;
_entity_poly.pdbx_strand_id   A
#
# COMPACT_ATOMS: atom_id res chain seq x y z
N VAL A 47 -5.37 -28.04 19.28
CA VAL A 47 -5.69 -26.73 19.93
C VAL A 47 -7.01 -26.82 20.69
N ALA A 48 -6.99 -26.41 21.96
CA ALA A 48 -8.16 -26.47 22.85
C ALA A 48 -9.33 -25.64 22.36
N ALA A 49 -10.55 -26.09 22.69
CA ALA A 49 -11.78 -25.40 22.29
C ALA A 49 -11.88 -24.00 22.88
N GLU A 50 -11.32 -23.81 24.07
CA GLU A 50 -11.32 -22.52 24.75
C GLU A 50 -10.60 -21.42 23.96
N ARG A 51 -9.58 -21.81 23.19
CA ARG A 51 -8.83 -20.88 22.35
C ARG A 51 -9.71 -20.23 21.27
N LEU A 52 -10.81 -20.89 20.92
CA LEU A 52 -11.69 -20.44 19.84
C LEU A 52 -12.82 -19.52 20.30
N GLU A 53 -12.86 -19.18 21.58
CA GLU A 53 -13.86 -18.23 22.08
C GLU A 53 -13.56 -16.83 21.51
N PRO A 54 -14.55 -16.21 20.84
CA PRO A 54 -14.31 -14.84 20.37
C PRO A 54 -13.92 -13.90 21.50
N ARG A 55 -12.89 -13.09 21.26
CA ARG A 55 -12.31 -12.27 22.33
C ARG A 55 -12.86 -10.85 22.36
N VAL A 56 -13.59 -10.49 21.30
CA VAL A 56 -14.24 -9.19 21.21
C VAL A 56 -15.75 -9.34 21.15
N GLU A 57 -16.46 -8.28 21.52
CA GLU A 57 -17.91 -8.26 21.47
C GLU A 57 -18.40 -6.91 20.98
N GLU A 58 -19.58 -6.92 20.36
CA GLU A 58 -20.22 -5.68 19.94
C GLU A 58 -20.86 -5.00 21.15
N LYS A 59 -20.58 -3.70 21.31
CA LYS A 59 -21.17 -2.89 22.37
C LYS A 59 -21.46 -1.50 21.82
N ASP A 60 -22.75 -1.18 21.71
CA ASP A 60 -23.23 0.12 21.26
C ASP A 60 -22.65 0.57 19.91
N GLY A 61 -22.56 -0.37 18.97
CA GLY A 61 -22.15 -0.06 17.61
C GLY A 61 -20.67 -0.25 17.31
N TYR A 62 -19.89 -0.51 18.36
CA TYR A 62 -18.44 -0.71 18.20
C TYR A 62 -18.03 -2.08 18.76
N TRP A 63 -16.81 -2.50 18.43
CA TRP A 63 -16.31 -3.79 18.86
C TRP A 63 -15.16 -3.61 19.84
N ILE A 64 -15.34 -4.20 21.02
CA ILE A 64 -14.40 -4.01 22.12
C ILE A 64 -13.92 -5.36 22.67
N LEU A 65 -12.68 -5.40 23.14
CA LEU A 65 -12.17 -6.57 23.84
C LEU A 65 -13.01 -6.86 25.07
N LYS A 66 -13.44 -8.11 25.18
CA LYS A 66 -14.13 -8.58 26.38
C LYS A 66 -13.24 -8.42 27.59
N GLU A 67 -13.85 -8.10 28.74
CA GLU A 67 -13.14 -7.88 30.00
C GLU A 67 -12.09 -8.96 30.33
N GLN A 68 -12.43 -10.23 30.11
CA GLN A 68 -11.54 -11.34 30.48
C GLN A 68 -10.36 -11.57 29.53
N PHE A 69 -10.30 -10.82 28.42
CA PHE A 69 -9.20 -10.98 27.47
C PHE A 69 -8.25 -9.76 27.43
N ARG A 70 -8.39 -8.89 28.41
CA ARG A 70 -7.64 -7.63 28.44
C ARG A 70 -6.28 -7.73 29.15
N LYS A 71 -5.99 -8.87 29.78
CA LYS A 71 -4.71 -9.07 30.45
C LYS A 71 -3.58 -9.17 29.43
N GLY A 72 -2.48 -8.48 29.70
CA GLY A 72 -1.25 -8.64 28.92
C GLY A 72 -1.24 -7.99 27.54
N ILE A 73 -2.24 -7.18 27.26
CA ILE A 73 -2.36 -6.53 25.95
C ILE A 73 -1.31 -5.43 25.77
N ASN A 74 -0.97 -5.14 24.52
CA ASN A 74 -0.01 -4.10 24.21
C ASN A 74 -0.59 -2.69 24.42
N PRO A 75 0.28 -1.66 24.43
CA PRO A 75 -0.22 -0.29 24.65
C PRO A 75 -1.25 0.23 23.63
N GLN A 76 -1.15 -0.23 22.37
CA GLN A 76 -2.09 0.20 21.33
C GLN A 76 -3.49 -0.33 21.62
N GLU A 77 -3.57 -1.56 22.11
CA GLU A 77 -4.85 -2.13 22.55
C GLU A 77 -5.46 -1.32 23.70
N LYS A 78 -4.60 -0.84 24.59
CA LYS A 78 -5.06 0.00 25.69
C LYS A 78 -5.63 1.32 25.19
N VAL A 79 -4.98 1.91 24.18
CA VAL A 79 -5.48 3.13 23.54
C VAL A 79 -6.90 2.90 22.99
N LYS A 80 -7.10 1.77 22.29
CA LYS A 80 -8.39 1.48 21.68
C LYS A 80 -9.51 1.27 22.71
N ILE A 81 -9.15 0.69 23.86
CA ILE A 81 -10.11 0.50 24.96
C ILE A 81 -10.46 1.83 25.62
N GLU A 82 -9.45 2.67 25.84
CA GLU A 82 -9.63 3.94 26.54
C GLU A 82 -10.62 4.86 25.82
N LYS A 83 -10.55 4.89 24.49
CA LYS A 83 -11.58 5.52 23.68
C LYS A 83 -11.58 4.94 22.28
N GLU A 84 -12.78 4.59 21.81
CA GLU A 84 -12.97 4.04 20.48
C GLU A 84 -12.56 5.05 19.41
N PRO A 85 -11.51 4.74 18.62
CA PRO A 85 -11.06 5.69 17.60
C PRO A 85 -12.12 6.11 16.58
N MET A 86 -13.01 5.18 16.20
CA MET A 86 -14.01 5.49 15.17
C MET A 86 -14.98 6.60 15.58
N LYS A 87 -15.10 6.87 16.88
CA LYS A 87 -15.97 7.95 17.36
C LYS A 87 -15.53 9.32 16.87
N LEU A 88 -14.24 9.48 16.60
CA LEU A 88 -13.73 10.74 16.05
C LEU A 88 -14.41 11.10 14.72
N PHE A 89 -14.75 10.07 13.94
CA PHE A 89 -15.46 10.28 12.69
C PHE A 89 -16.97 10.09 12.87
N MET A 90 -17.36 8.92 13.37
CA MET A 90 -18.78 8.52 13.37
C MET A 90 -19.66 9.28 14.36
N GLU A 91 -19.03 9.82 15.40
CA GLU A 91 -19.73 10.69 16.35
C GLU A 91 -19.20 12.12 16.26
N ASN A 92 -18.45 12.39 15.19
CA ASN A 92 -17.90 13.72 14.91
C ASN A 92 -17.07 14.29 16.05
N GLY A 93 -16.35 13.42 16.76
CA GLY A 93 -15.45 13.85 17.82
C GLY A 93 -14.35 14.78 17.31
N ILE A 94 -14.03 14.66 16.03
CA ILE A 94 -12.99 15.48 15.40
C ILE A 94 -13.31 16.99 15.45
N GLU A 95 -14.59 17.34 15.41
CA GLU A 95 -14.98 18.76 15.40
C GLU A 95 -14.43 19.52 16.61
N GLU A 96 -14.63 18.97 17.80
CA GLU A 96 -14.15 19.62 19.02
C GLU A 96 -12.66 19.44 19.24
N LEU A 97 -12.13 18.27 18.91
CA LEU A 97 -10.69 18.01 19.02
C LEU A 97 -9.88 19.01 18.20
N ALA A 98 -10.33 19.27 16.98
CA ALA A 98 -9.61 20.14 16.04
C ALA A 98 -9.47 21.59 16.50
N LYS A 99 -10.32 21.99 17.45
CA LYS A 99 -10.33 23.34 18.00
C LYS A 99 -9.29 23.55 19.09
N ILE A 100 -8.82 22.45 19.69
CA ILE A 100 -7.87 22.52 20.80
C ILE A 100 -6.45 22.76 20.26
N PRO A 101 -5.77 23.81 20.73
CA PRO A 101 -4.39 24.05 20.33
C PRO A 101 -3.53 22.82 20.63
N ILE A 102 -2.64 22.48 19.70
CA ILE A 102 -1.84 21.26 19.81
C ILE A 102 -0.97 21.21 21.07
N GLU A 103 -0.53 22.38 21.54
CA GLU A 103 0.26 22.43 22.77
C GLU A 103 -0.56 21.98 23.98
N GLU A 104 -1.86 22.30 23.96
CA GLU A 104 -2.78 21.83 24.99
C GLU A 104 -3.10 20.34 24.82
N ILE A 105 -3.30 19.91 23.57
CA ILE A 105 -3.54 18.50 23.27
C ILE A 105 -2.45 17.60 23.86
N ASP A 106 -1.20 18.04 23.74
CA ASP A 106 -0.04 17.28 24.20
C ASP A 106 0.07 17.17 25.73
N GLN A 107 -0.78 17.90 26.45
CA GLN A 107 -0.73 17.94 27.91
C GLN A 107 -1.55 16.84 28.61
N SER A 108 -2.34 16.09 27.83
CA SER A 108 -3.10 14.97 28.38
C SER A 108 -2.97 13.72 27.51
N LYS A 109 -2.87 12.56 28.14
CA LYS A 109 -2.71 11.28 27.44
C LYS A 109 -3.83 11.03 26.46
N LEU A 110 -5.08 11.27 26.88
CA LEU A 110 -6.25 10.97 26.06
C LEU A 110 -6.20 11.71 24.71
N THR A 111 -5.95 13.01 24.76
CA THR A 111 -5.92 13.82 23.54
C THR A 111 -4.63 13.63 22.73
N LYS A 112 -3.51 13.39 23.41
CA LYS A 112 -2.26 13.12 22.70
C LYS A 112 -2.40 11.79 21.94
N ASP A 113 -3.02 10.80 22.57
CA ASP A 113 -3.34 9.54 21.91
C ASP A 113 -4.33 9.74 20.78
N ASP A 114 -5.27 10.68 20.95
CA ASP A 114 -6.20 11.02 19.86
C ASP A 114 -5.43 11.43 18.60
N ILE A 115 -4.49 12.35 18.73
CA ILE A 115 -3.82 12.86 17.53
C ILE A 115 -2.70 11.98 17.02
N ASP A 116 -2.05 11.22 17.91
CA ASP A 116 -0.90 10.40 17.53
C ASP A 116 -1.29 8.98 17.10
N VAL A 117 -2.46 8.53 17.52
CA VAL A 117 -2.86 7.14 17.32
C VAL A 117 -4.26 7.02 16.72
N ARG A 118 -5.26 7.54 17.41
CA ARG A 118 -6.65 7.34 17.01
C ARG A 118 -6.97 7.99 15.66
N LEU A 119 -6.34 9.11 15.37
CA LEU A 119 -6.58 9.80 14.09
C LEU A 119 -6.19 8.98 12.87
N LYS A 120 -5.37 7.95 13.05
CA LYS A 120 -5.01 7.07 11.94
C LYS A 120 -6.21 6.28 11.42
N TRP A 121 -7.25 6.16 12.25
CA TRP A 121 -8.52 5.60 11.80
C TRP A 121 -9.27 6.53 10.84
N LEU A 122 -8.88 7.80 10.83
CA LEU A 122 -9.40 8.79 9.87
C LEU A 122 -8.34 9.12 8.82
N GLY A 123 -7.29 8.30 8.78
CA GLY A 123 -6.25 8.43 7.77
C GLY A 123 -5.29 9.59 8.01
N LEU A 124 -5.19 10.04 9.26
CA LEU A 124 -4.36 11.18 9.62
C LEU A 124 -3.21 10.76 10.53
N PHE A 125 -1.99 11.12 10.12
CA PHE A 125 -0.76 10.59 10.70
C PHE A 125 0.10 11.77 11.17
N HIS A 126 0.12 12.03 12.47
CA HIS A 126 0.92 13.12 13.01
C HIS A 126 2.39 12.84 12.79
N ARG A 127 3.07 13.78 12.14
CA ARG A 127 4.51 13.68 11.91
C ARG A 127 5.22 14.31 13.11
N ARG A 128 5.05 13.71 14.29
CA ARG A 128 5.49 14.37 15.52
C ARG A 128 6.97 14.73 15.52
N LYS A 129 7.82 13.78 15.16
CA LYS A 129 9.27 13.98 15.24
C LYS A 129 9.80 14.91 14.14
N ASN A 130 9.38 14.68 12.90
CA ASN A 130 10.05 15.29 11.75
C ASN A 130 9.29 16.45 11.10
N GLN A 131 8.02 16.62 11.45
CA GLN A 131 7.23 17.74 10.94
C GLN A 131 6.13 18.06 11.96
N TYR A 132 6.58 18.41 13.16
CA TYR A 132 5.69 18.58 14.30
C TYR A 132 4.46 19.44 13.99
N GLY A 133 3.30 18.95 14.41
CA GLY A 133 2.06 19.70 14.25
C GLY A 133 1.42 19.54 12.89
N ARG A 134 2.07 18.79 12.00
CA ARG A 134 1.53 18.53 10.67
C ARG A 134 1.18 17.06 10.51
N PHE A 135 0.21 16.81 9.64
CA PHE A 135 -0.35 15.49 9.48
C PHE A 135 -0.25 15.06 8.02
N MET A 136 0.29 13.87 7.80
CA MET A 136 0.12 13.20 6.52
C MET A 136 -1.30 12.63 6.50
N MET A 137 -1.93 12.66 5.34
CA MET A 137 -3.27 12.11 5.19
C MET A 137 -3.27 11.09 4.07
N ARG A 138 -3.86 9.93 4.35
CA ARG A 138 -3.83 8.78 3.45
C ARG A 138 -5.24 8.33 3.11
N LEU A 139 -5.49 8.05 1.84
CA LEU A 139 -6.83 7.75 1.37
C LEU A 139 -7.14 6.26 1.37
N LYS A 140 -8.39 5.94 1.04
CA LYS A 140 -8.76 4.69 0.41
C LYS A 140 -8.87 5.02 -1.07
N LEU A 141 -8.24 4.21 -1.91
CA LEU A 141 -8.27 4.42 -3.34
C LEU A 141 -8.23 3.04 -4.01
N PRO A 142 -9.35 2.31 -3.94
CA PRO A 142 -9.31 0.94 -4.44
C PRO A 142 -8.83 0.90 -5.89
N ASN A 143 -7.91 -0.03 -6.17
CA ASN A 143 -7.41 -0.23 -7.52
C ASN A 143 -6.59 0.94 -8.06
N GLY A 144 -6.25 1.90 -7.20
CA GLY A 144 -5.43 3.04 -7.59
C GLY A 144 -6.10 4.07 -8.48
N VAL A 145 -7.43 4.04 -8.59
CA VAL A 145 -8.13 4.88 -9.55
C VAL A 145 -8.55 6.22 -8.95
N THR A 146 -8.15 7.30 -9.61
CA THR A 146 -8.51 8.66 -9.22
C THR A 146 -9.09 9.41 -10.41
N THR A 147 -9.76 10.52 -10.13
CA THR A 147 -10.22 11.42 -11.19
C THR A 147 -9.44 12.72 -11.19
N SER A 148 -9.53 13.47 -12.28
CA SER A 148 -8.91 14.78 -12.38
C SER A 148 -9.48 15.76 -11.34
N ALA A 149 -10.79 15.68 -11.08
CA ALA A 149 -11.40 16.55 -10.07
C ALA A 149 -10.86 16.24 -8.68
N GLN A 150 -10.68 14.95 -8.38
CA GLN A 150 -10.13 14.54 -7.10
C GLN A 150 -8.68 15.00 -6.98
N THR A 151 -7.94 14.88 -8.07
CA THR A 151 -6.53 15.24 -8.10
C THR A 151 -6.36 16.74 -7.87
N ARG A 152 -7.20 17.55 -8.53
CA ARG A 152 -7.17 18.99 -8.31
C ARG A 152 -7.55 19.35 -6.88
N TYR A 153 -8.51 18.64 -6.31
CA TYR A 153 -8.87 18.91 -4.92
C TYR A 153 -7.68 18.66 -3.99
N LEU A 154 -7.04 17.51 -4.13
CA LEU A 154 -5.88 17.17 -3.30
C LEU A 154 -4.77 18.20 -3.48
N ALA A 155 -4.52 18.60 -4.72
CA ALA A 155 -3.54 19.65 -5.02
C ALA A 155 -3.88 20.96 -4.30
N SER A 156 -5.16 21.32 -4.27
CA SER A 156 -5.57 22.57 -3.62
C SER A 156 -5.31 22.52 -2.11
N VAL A 157 -5.47 21.34 -1.51
CA VAL A 157 -5.18 21.17 -0.08
C VAL A 157 -3.69 21.38 0.20
N ILE A 158 -2.83 20.65 -0.52
CA ILE A 158 -1.40 20.76 -0.25
C ILE A 158 -0.83 22.12 -0.63
N ARG A 159 -1.40 22.75 -1.65
CA ARG A 159 -0.95 24.08 -2.07
C ARG A 159 -1.02 25.09 -0.93
N LYS A 160 -2.06 24.99 -0.11
CA LYS A 160 -2.24 25.90 1.01
C LYS A 160 -1.06 25.89 1.98
N TYR A 161 -0.38 24.74 2.06
CA TYR A 161 0.66 24.56 3.07
C TYR A 161 2.08 24.87 2.59
N GLY A 162 2.19 25.32 1.34
CA GLY A 162 3.47 25.82 0.84
C GLY A 162 4.58 24.82 0.99
N LYS A 163 5.66 25.22 1.65
CA LYS A 163 6.83 24.34 1.77
C LYS A 163 6.58 23.10 2.64
N GLU A 164 5.49 23.13 3.40
CA GLU A 164 5.12 21.99 4.26
C GLU A 164 4.26 20.97 3.52
N GLY A 165 3.83 21.32 2.31
CA GLY A 165 2.95 20.47 1.52
C GLY A 165 3.63 19.83 0.34
N CYS A 166 3.16 18.63 0.01
CA CYS A 166 3.47 17.89 -1.21
C CYS A 166 2.61 16.65 -1.16
N ALA A 167 2.73 15.78 -2.16
CA ALA A 167 1.97 14.53 -2.18
C ALA A 167 2.84 13.40 -2.69
N ASP A 168 2.41 12.19 -2.39
CA ASP A 168 3.16 10.99 -2.73
C ASP A 168 2.26 9.87 -3.17
N ILE A 169 2.69 9.15 -4.19
CA ILE A 169 2.07 7.89 -4.56
C ILE A 169 2.72 6.79 -3.73
N THR A 170 1.91 5.90 -3.17
CA THR A 170 2.41 4.88 -2.27
C THR A 170 2.55 3.50 -2.91
N THR A 171 3.23 2.62 -2.19
CA THR A 171 3.42 1.24 -2.65
C THR A 171 2.15 0.39 -2.57
N ARG A 172 1.03 0.99 -2.16
CA ARG A 172 -0.30 0.38 -2.35
C ARG A 172 -1.14 1.18 -3.34
N GLN A 173 -0.47 1.78 -4.33
CA GLN A 173 -1.14 2.57 -5.42
C GLN A 173 -2.18 3.54 -4.86
N ASN A 174 -1.74 4.33 -3.88
CA ASN A 174 -2.62 5.20 -3.11
C ASN A 174 -2.02 6.61 -3.05
N TRP A 175 -2.85 7.59 -2.69
CA TRP A 175 -2.38 8.94 -2.44
C TRP A 175 -2.14 9.20 -0.96
N GLN A 176 -1.04 9.88 -0.69
CA GLN A 176 -0.84 10.59 0.58
C GLN A 176 -0.62 12.06 0.30
N ILE A 177 -1.23 12.92 1.12
CA ILE A 177 -0.97 14.35 1.06
C ILE A 177 -0.31 14.78 2.38
N ARG A 178 0.40 15.90 2.34
CA ARG A 178 1.21 16.34 3.47
C ARG A 178 0.98 17.81 3.77
N GLY A 179 1.22 18.18 5.02
CA GLY A 179 1.16 19.57 5.47
C GLY A 179 -0.06 19.91 6.28
N VAL A 180 -1.01 18.99 6.36
CA VAL A 180 -2.30 19.23 7.01
C VAL A 180 -2.14 19.69 8.46
N VAL A 181 -2.85 20.75 8.84
CA VAL A 181 -2.91 21.18 10.24
C VAL A 181 -4.26 20.76 10.82
N LEU A 182 -4.25 20.42 12.11
CA LEU A 182 -5.44 19.90 12.77
C LEU A 182 -6.71 20.77 12.61
N PRO A 183 -6.61 22.11 12.79
CA PRO A 183 -7.80 22.94 12.62
C PRO A 183 -8.49 22.81 11.26
N ASP A 184 -7.75 22.43 10.23
CA ASP A 184 -8.29 22.28 8.87
C ASP A 184 -8.94 20.93 8.61
N VAL A 185 -8.78 19.98 9.53
CA VAL A 185 -9.24 18.61 9.31
C VAL A 185 -10.75 18.49 9.01
N PRO A 186 -11.62 19.11 9.84
CA PRO A 186 -13.05 19.02 9.52
C PRO A 186 -13.41 19.47 8.10
N GLU A 187 -12.84 20.58 7.63
CA GLU A 187 -13.12 21.05 6.28
C GLU A 187 -12.56 20.10 5.21
N ILE A 188 -11.37 19.56 5.44
CA ILE A 188 -10.77 18.60 4.50
C ILE A 188 -11.62 17.32 4.40
N LEU A 189 -12.09 16.82 5.54
CA LEU A 189 -12.97 15.65 5.52
C LEU A 189 -14.22 15.91 4.67
N LYS A 190 -14.80 17.09 4.83
CA LYS A 190 -15.96 17.50 4.04
C LYS A 190 -15.61 17.61 2.55
N GLY A 191 -14.47 18.21 2.24
CA GLY A 191 -14.02 18.38 0.86
C GLY A 191 -13.75 17.06 0.15
N LEU A 192 -13.12 16.11 0.87
CA LEU A 192 -12.90 14.77 0.34
C LEU A 192 -14.23 14.10 -0.02
N ALA A 193 -15.17 14.13 0.93
CA ALA A 193 -16.49 13.52 0.70
C ALA A 193 -17.17 14.14 -0.52
N GLU A 194 -17.07 15.46 -0.64
CA GLU A 194 -17.68 16.21 -1.75
C GLU A 194 -17.18 15.73 -3.11
N VAL A 195 -15.91 15.34 -3.19
CA VAL A 195 -15.33 14.85 -4.45
C VAL A 195 -15.29 13.32 -4.58
N GLY A 196 -15.93 12.62 -3.65
CA GLY A 196 -16.07 11.16 -3.73
C GLY A 196 -14.89 10.38 -3.20
N LEU A 197 -14.14 10.98 -2.27
CA LEU A 197 -13.00 10.32 -1.64
C LEU A 197 -13.28 10.06 -0.17
N THR A 198 -12.63 9.03 0.37
CA THR A 198 -12.59 8.81 1.81
C THR A 198 -11.15 8.55 2.26
N SER A 199 -10.86 8.90 3.51
CA SER A 199 -9.58 8.60 4.15
C SER A 199 -9.76 7.59 5.28
N LEU A 200 -10.93 6.98 5.37
CA LEU A 200 -11.24 6.11 6.50
C LEU A 200 -10.39 4.87 6.60
N GLN A 201 -9.97 4.57 7.83
CA GLN A 201 -9.43 3.26 8.18
C GLN A 201 -8.19 2.89 7.34
N SER A 202 -7.35 3.90 7.07
CA SER A 202 -6.21 3.69 6.18
C SER A 202 -4.90 3.43 6.91
N GLY A 203 -4.89 3.64 8.23
CA GLY A 203 -3.73 3.34 9.05
C GLY A 203 -4.10 2.51 10.27
N MET A 204 -3.11 2.21 11.09
CA MET A 204 -3.28 1.40 12.29
C MET A 204 -4.01 0.07 12.03
N ASP A 205 -4.90 -0.33 12.92
CA ASP A 205 -5.35 -1.73 13.00
C ASP A 205 -6.57 -1.96 12.12
N ASN A 206 -6.36 -1.71 10.83
CA ASN A 206 -7.41 -1.57 9.85
C ASN A 206 -7.02 -2.27 8.55
N VAL A 207 -8.03 -2.49 7.72
CA VAL A 207 -7.82 -3.02 6.38
C VAL A 207 -7.29 -1.91 5.49
N ARG A 208 -6.13 -2.17 4.90
CA ARG A 208 -5.42 -1.18 4.10
C ARG A 208 -5.92 -1.13 2.65
N ASN A 209 -5.31 -0.28 1.83
CA ASN A 209 -5.87 -0.01 0.51
C ASN A 209 -6.00 -1.28 -0.32
N PRO A 210 -7.21 -1.57 -0.83
CA PRO A 210 -7.35 -2.74 -1.72
C PRO A 210 -6.68 -2.53 -3.09
N VAL A 211 -5.64 -3.31 -3.32
CA VAL A 211 -4.83 -3.23 -4.53
C VAL A 211 -5.42 -4.12 -5.62
N GLY A 212 -5.41 -3.62 -6.85
CA GLY A 212 -5.84 -4.40 -8.01
C GLY A 212 -4.90 -4.24 -9.19
N ASN A 213 -5.36 -4.67 -10.36
CA ASN A 213 -4.59 -4.59 -11.59
C ASN A 213 -4.61 -3.16 -12.10
N PRO A 214 -3.44 -2.52 -12.26
CA PRO A 214 -3.47 -1.14 -12.78
C PRO A 214 -4.00 -1.06 -14.21
N LEU A 215 -4.03 -2.19 -14.90
CA LEU A 215 -4.55 -2.25 -16.27
C LEU A 215 -5.99 -2.77 -16.32
N ALA A 216 -6.68 -2.77 -15.19
CA ALA A 216 -8.05 -3.29 -15.13
C ALA A 216 -8.96 -2.61 -16.14
N GLY A 217 -9.66 -3.43 -16.92
CA GLY A 217 -10.63 -2.92 -17.89
C GLY A 217 -10.07 -2.47 -19.21
N ILE A 218 -8.74 -2.32 -19.30
CA ILE A 218 -8.13 -1.73 -20.51
C ILE A 218 -7.12 -2.62 -21.21
N ASP A 219 -6.55 -3.60 -20.51
CA ASP A 219 -5.52 -4.47 -21.07
C ASP A 219 -6.14 -5.60 -21.88
N PRO A 220 -5.73 -5.72 -23.16
CA PRO A 220 -6.15 -6.87 -23.96
C PRO A 220 -5.86 -8.22 -23.30
N GLU A 221 -4.86 -8.28 -22.43
CA GLU A 221 -4.43 -9.52 -21.81
C GLU A 221 -4.91 -9.77 -20.38
N GLU A 222 -5.84 -8.95 -19.89
CA GLU A 222 -6.29 -9.14 -18.50
C GLU A 222 -7.10 -10.43 -18.34
N ILE A 223 -7.08 -10.96 -17.13
CA ILE A 223 -7.87 -12.13 -16.79
C ILE A 223 -9.30 -11.71 -16.44
N VAL A 224 -9.43 -10.77 -15.51
CA VAL A 224 -10.71 -10.26 -15.06
C VAL A 224 -10.48 -8.84 -14.53
N ASP A 225 -11.38 -7.93 -14.89
CA ASP A 225 -11.39 -6.56 -14.39
C ASP A 225 -11.51 -6.57 -12.86
N THR A 226 -10.49 -6.04 -12.18
CA THR A 226 -10.46 -6.08 -10.72
C THR A 226 -11.25 -4.95 -10.05
N ARG A 227 -11.61 -3.93 -10.81
CA ARG A 227 -12.24 -2.74 -10.21
C ARG A 227 -13.54 -3.03 -9.46
N PRO A 228 -14.45 -3.84 -10.04
CA PRO A 228 -15.68 -4.08 -9.26
C PRO A 228 -15.39 -4.70 -7.89
N TYR A 229 -14.40 -5.58 -7.82
CA TYR A 229 -14.07 -6.28 -6.58
C TYR A 229 -13.35 -5.40 -5.57
N THR A 230 -12.34 -4.65 -6.01
CA THR A 230 -11.66 -3.75 -5.10
C THR A 230 -12.60 -2.65 -4.62
N ASN A 231 -13.48 -2.15 -5.52
CA ASN A 231 -14.52 -1.20 -5.11
C ASN A 231 -15.41 -1.78 -4.02
N LEU A 232 -15.90 -3.00 -4.23
CA LEU A 232 -16.74 -3.66 -3.22
C LEU A 232 -16.02 -3.81 -1.90
N LEU A 233 -14.76 -4.22 -1.95
CA LEU A 233 -13.98 -4.38 -0.74
C LEU A 233 -13.86 -3.05 0.01
N SER A 234 -13.54 -1.98 -0.71
CA SER A 234 -13.39 -0.68 -0.07
C SER A 234 -14.71 -0.19 0.54
N GLN A 235 -15.81 -0.40 -0.19
CA GLN A 235 -17.13 -0.05 0.31
C GLN A 235 -17.48 -0.82 1.58
N PHE A 236 -17.16 -2.12 1.57
CA PHE A 236 -17.39 -2.97 2.74
C PHE A 236 -16.55 -2.49 3.93
N ILE A 237 -15.24 -2.31 3.70
CA ILE A 237 -14.31 -1.93 4.75
C ILE A 237 -14.74 -0.62 5.42
N THR A 238 -15.12 0.36 4.61
CA THR A 238 -15.42 1.69 5.14
C THR A 238 -16.89 1.93 5.42
N GLY A 239 -17.73 0.90 5.25
CA GLY A 239 -19.17 1.07 5.42
C GLY A 239 -19.71 2.15 4.52
N ASN A 240 -19.37 2.07 3.23
CA ASN A 240 -19.76 3.07 2.24
C ASN A 240 -19.37 4.49 2.68
N SER A 241 -18.15 4.60 3.21
CA SER A 241 -17.55 5.86 3.65
C SER A 241 -18.17 6.48 4.90
N ARG A 242 -18.94 5.67 5.65
CA ARG A 242 -19.52 6.11 6.92
C ARG A 242 -18.73 5.57 8.11
N GLY A 243 -17.88 4.57 7.85
CA GLY A 243 -17.15 3.84 8.89
C GLY A 243 -17.75 2.47 9.10
N ASN A 244 -16.91 1.45 9.22
CA ASN A 244 -17.38 0.12 9.59
C ASN A 244 -16.66 -0.43 10.82
N PRO A 245 -17.22 -0.16 12.01
CA PRO A 245 -16.61 -0.63 13.26
C PRO A 245 -16.41 -2.15 13.38
N ALA A 246 -17.12 -2.94 12.59
CA ALA A 246 -16.98 -4.40 12.65
C ALA A 246 -15.59 -4.86 12.24
N VAL A 247 -14.88 -4.04 11.45
CA VAL A 247 -13.56 -4.41 10.95
C VAL A 247 -12.47 -3.39 11.30
N SER A 248 -12.76 -2.48 12.22
CA SER A 248 -11.80 -1.44 12.61
C SER A 248 -11.07 -1.70 13.91
N ASN A 249 -11.40 -2.81 14.60
CA ASN A 249 -10.64 -3.22 15.77
C ASN A 249 -9.98 -4.56 15.55
N LEU A 250 -9.08 -4.59 14.58
CA LEU A 250 -8.27 -5.77 14.33
C LEU A 250 -7.09 -5.79 15.28
N PRO A 251 -6.45 -6.95 15.48
CA PRO A 251 -5.20 -6.96 16.23
C PRO A 251 -4.04 -6.20 15.57
N ARG A 252 -4.17 -5.93 14.27
CA ARG A 252 -3.06 -5.37 13.50
C ARG A 252 -3.57 -5.03 12.10
N LYS A 253 -2.77 -4.26 11.36
CA LYS A 253 -3.03 -3.97 9.95
C LYS A 253 -3.26 -5.25 9.14
N TRP A 254 -3.89 -5.08 7.99
CA TRP A 254 -4.26 -6.23 7.17
C TRP A 254 -4.40 -5.75 5.73
N ASN A 255 -3.62 -6.35 4.83
CA ASN A 255 -3.52 -5.93 3.43
C ASN A 255 -4.26 -6.86 2.47
N PRO A 256 -5.22 -6.34 1.69
CA PRO A 256 -5.87 -7.15 0.66
C PRO A 256 -5.56 -6.77 -0.79
N CYS A 257 -5.56 -7.76 -1.67
CA CYS A 257 -5.47 -7.48 -3.11
C CYS A 257 -6.32 -8.46 -3.91
N VAL A 258 -6.74 -8.00 -5.09
CA VAL A 258 -7.49 -8.83 -6.04
C VAL A 258 -6.67 -8.89 -7.33
N VAL A 259 -6.36 -10.11 -7.77
CA VAL A 259 -5.54 -10.32 -8.96
C VAL A 259 -6.39 -10.36 -10.22
N GLY A 260 -5.95 -9.63 -11.24
CA GLY A 260 -6.59 -9.69 -12.55
C GLY A 260 -5.64 -9.77 -13.72
N SER A 261 -4.34 -9.89 -13.42
CA SER A 261 -3.29 -9.88 -14.42
C SER A 261 -2.46 -11.13 -14.34
N HIS A 262 -2.04 -11.65 -15.49
CA HIS A 262 -1.04 -12.71 -15.51
C HIS A 262 0.29 -12.23 -14.94
N ASP A 263 0.54 -10.92 -15.05
CA ASP A 263 1.77 -10.32 -14.59
C ASP A 263 1.89 -10.36 -13.08
N LEU A 264 0.75 -10.49 -12.40
CA LEU A 264 0.66 -10.39 -10.95
C LEU A 264 1.19 -9.03 -10.46
N TYR A 265 0.73 -7.98 -11.13
CA TYR A 265 1.02 -6.61 -10.72
C TYR A 265 0.58 -6.30 -9.28
N GLU A 266 -0.29 -7.15 -8.74
CA GLU A 266 -0.94 -6.92 -7.46
C GLU A 266 -0.16 -7.48 -6.26
N HIS A 267 0.93 -8.19 -6.55
CA HIS A 267 1.76 -8.82 -5.51
C HIS A 267 0.98 -9.67 -4.51
N PRO A 268 0.23 -10.66 -5.02
CA PRO A 268 -0.59 -11.48 -4.12
C PRO A 268 0.23 -12.20 -3.05
N HIS A 269 1.49 -12.52 -3.35
CA HIS A 269 2.32 -13.26 -2.40
C HIS A 269 2.63 -12.51 -1.11
N ILE A 270 2.45 -11.19 -1.09
CA ILE A 270 2.76 -10.41 0.11
C ILE A 270 1.54 -9.73 0.74
N ASN A 271 0.35 -10.26 0.46
CA ASN A 271 -0.88 -9.74 1.03
C ASN A 271 -1.47 -10.69 2.08
N ASP A 272 -2.17 -10.12 3.05
CA ASP A 272 -2.91 -10.90 4.05
C ASP A 272 -4.02 -11.72 3.42
N LEU A 273 -4.68 -11.15 2.41
CA LEU A 273 -5.64 -11.88 1.60
C LEU A 273 -5.45 -11.52 0.15
N ALA A 274 -5.23 -12.53 -0.66
CA ALA A 274 -5.11 -12.35 -2.11
C ALA A 274 -6.13 -13.23 -2.80
N TYR A 275 -6.88 -12.63 -3.70
CA TYR A 275 -7.86 -13.34 -4.51
C TYR A 275 -7.23 -13.68 -5.87
N MET A 276 -7.03 -14.98 -6.11
CA MET A 276 -6.43 -15.49 -7.33
C MET A 276 -7.53 -16.01 -8.25
N PRO A 277 -7.71 -15.39 -9.43
CA PRO A 277 -8.83 -15.79 -10.28
C PRO A 277 -8.69 -17.25 -10.73
N ALA A 278 -9.79 -18.00 -10.62
CA ALA A 278 -9.77 -19.44 -10.86
C ALA A 278 -11.16 -19.91 -11.20
N THR A 279 -11.25 -20.76 -12.21
CA THR A 279 -12.49 -21.43 -12.53
C THR A 279 -12.53 -22.71 -11.70
N LYS A 280 -13.68 -23.01 -11.10
CA LYS A 280 -13.87 -24.27 -10.39
C LYS A 280 -15.20 -24.89 -10.80
N ASP A 281 -15.13 -26.11 -11.33
CA ASP A 281 -16.33 -26.84 -11.75
C ASP A 281 -17.21 -25.99 -12.68
N GLY A 282 -16.57 -25.31 -13.63
CA GLY A 282 -17.27 -24.51 -14.63
C GLY A 282 -17.72 -23.14 -14.19
N ARG A 283 -17.30 -22.69 -13.01
CA ARG A 283 -17.73 -21.41 -12.44
C ARG A 283 -16.56 -20.48 -12.20
N PHE A 284 -16.75 -19.19 -12.46
CA PHE A 284 -15.70 -18.22 -12.19
C PHE A 284 -15.68 -17.78 -10.74
N GLY A 285 -14.49 -17.76 -10.15
CA GLY A 285 -14.30 -17.27 -8.80
C GLY A 285 -12.84 -17.05 -8.49
N PHE A 286 -12.49 -17.22 -7.21
CA PHE A 286 -11.14 -16.96 -6.74
C PHE A 286 -10.67 -18.01 -5.75
N ASN A 287 -9.46 -18.53 -5.97
CA ASN A 287 -8.73 -19.24 -4.92
C ASN A 287 -8.17 -18.20 -3.96
N LEU A 288 -8.05 -18.56 -2.69
CA LEU A 288 -7.64 -17.59 -1.67
C LEU A 288 -6.28 -17.91 -1.08
N LEU A 289 -5.41 -16.91 -1.09
CA LEU A 289 -4.13 -16.98 -0.39
C LEU A 289 -4.19 -16.09 0.84
N VAL A 290 -3.59 -16.54 1.93
CA VAL A 290 -3.69 -15.83 3.20
C VAL A 290 -2.35 -15.66 3.91
N GLY A 291 -2.24 -14.55 4.63
CA GLY A 291 -1.18 -14.36 5.62
C GLY A 291 0.13 -13.76 5.19
N GLY A 292 0.29 -13.41 3.91
CA GLY A 292 1.51 -12.75 3.48
C GLY A 292 1.71 -11.46 4.24
N PHE A 293 2.94 -11.17 4.64
CA PHE A 293 3.26 -9.93 5.34
C PHE A 293 4.75 -9.70 5.43
N PHE A 294 5.10 -8.42 5.55
CA PHE A 294 6.47 -8.03 5.90
C PHE A 294 6.47 -7.32 7.25
N SER A 295 7.56 -7.50 7.99
CA SER A 295 7.79 -6.80 9.24
C SER A 295 9.29 -6.80 9.51
N ALA A 296 9.71 -6.05 10.52
CA ALA A 296 11.12 -6.02 10.91
C ALA A 296 11.61 -7.42 11.31
N LYS A 297 10.75 -8.13 12.03
CA LYS A 297 11.05 -9.44 12.62
C LYS A 297 10.97 -10.59 11.63
N ARG A 298 10.03 -10.51 10.69
CA ARG A 298 9.66 -11.65 9.89
C ARG A 298 8.96 -11.22 8.61
N CYS A 299 9.34 -11.83 7.50
CA CYS A 299 8.62 -11.70 6.25
C CYS A 299 8.18 -13.07 5.78
N ASP A 300 6.93 -13.17 5.35
CA ASP A 300 6.36 -14.45 4.93
C ASP A 300 5.50 -14.26 3.70
N GLU A 301 5.57 -15.20 2.76
CA GLU A 301 4.67 -15.21 1.62
C GLU A 301 3.32 -15.81 2.01
N ALA A 302 2.26 -15.36 1.36
CA ALA A 302 0.92 -15.89 1.57
C ALA A 302 0.87 -17.37 1.20
N ILE A 303 0.04 -18.11 1.93
CA ILE A 303 -0.13 -19.55 1.70
C ILE A 303 -1.57 -19.83 1.30
N PRO A 304 -1.80 -20.94 0.58
CA PRO A 304 -3.20 -21.26 0.25
C PRO A 304 -4.04 -21.52 1.50
N LEU A 305 -5.22 -20.93 1.54
CA LEU A 305 -6.22 -21.28 2.54
C LEU A 305 -6.83 -22.65 2.22
N ASP A 306 -6.60 -23.11 0.99
CA ASP A 306 -7.32 -24.23 0.38
C ASP A 306 -8.81 -23.90 0.33
N ALA A 307 -9.12 -22.78 -0.33
CA ALA A 307 -10.47 -22.30 -0.44
C ALA A 307 -10.67 -21.62 -1.78
N TRP A 308 -11.82 -21.89 -2.38
CA TRP A 308 -12.28 -21.20 -3.58
C TRP A 308 -13.65 -20.61 -3.26
N VAL A 309 -13.89 -19.38 -3.72
CA VAL A 309 -15.21 -18.78 -3.62
C VAL A 309 -15.70 -18.34 -5.00
N PRO A 310 -17.02 -18.43 -5.22
CA PRO A 310 -17.57 -17.82 -6.44
C PRO A 310 -17.31 -16.32 -6.39
N ALA A 311 -17.26 -15.68 -7.56
CA ALA A 311 -16.99 -14.24 -7.64
C ALA A 311 -17.90 -13.42 -6.74
N ASP A 312 -19.16 -13.81 -6.59
CA ASP A 312 -20.08 -13.03 -5.77
C ASP A 312 -19.80 -13.13 -4.27
N ASP A 313 -18.92 -14.05 -3.87
CA ASP A 313 -18.60 -14.25 -2.46
C ASP A 313 -17.33 -13.52 -2.00
N VAL A 314 -16.82 -12.61 -2.82
CA VAL A 314 -15.62 -11.84 -2.46
C VAL A 314 -15.81 -11.11 -1.13
N VAL A 315 -16.91 -10.36 -0.98
CA VAL A 315 -17.13 -9.64 0.27
C VAL A 315 -17.43 -10.58 1.44
N PRO A 316 -18.40 -11.51 1.29
CA PRO A 316 -18.63 -12.48 2.37
C PRO A 316 -17.37 -13.15 2.91
N VAL A 317 -16.45 -13.59 2.06
CA VAL A 317 -15.25 -14.25 2.58
C VAL A 317 -14.25 -13.27 3.19
N CYS A 318 -14.19 -12.05 2.65
CA CYS A 318 -13.37 -11.02 3.29
C CYS A 318 -13.88 -10.80 4.70
N ARG A 319 -15.19 -10.70 4.85
CA ARG A 319 -15.80 -10.49 6.15
C ARG A 319 -15.49 -11.66 7.09
N ALA A 320 -15.64 -12.89 6.60
CA ALA A 320 -15.41 -14.07 7.44
C ALA A 320 -13.98 -14.15 7.93
N ILE A 321 -13.02 -13.88 7.04
CA ILE A 321 -11.60 -13.91 7.42
C ILE A 321 -11.29 -12.82 8.43
N LEU A 322 -11.81 -11.61 8.20
CA LEU A 322 -11.57 -10.51 9.13
C LEU A 322 -12.21 -10.76 10.48
N GLU A 323 -13.41 -11.32 10.50
CA GLU A 323 -14.05 -11.67 11.77
C GLU A 323 -13.25 -12.70 12.55
N ALA A 324 -12.72 -13.71 11.87
CA ALA A 324 -11.88 -14.70 12.52
C ALA A 324 -10.62 -14.07 13.12
N PHE A 325 -9.96 -13.21 12.35
CA PHE A 325 -8.76 -12.49 12.79
C PHE A 325 -9.08 -11.57 13.98
N ARG A 326 -10.12 -10.76 13.83
CA ARG A 326 -10.61 -9.89 14.89
C ARG A 326 -10.93 -10.66 16.18
N ASP A 327 -11.69 -11.75 16.02
CA ASP A 327 -12.19 -12.52 17.17
C ASP A 327 -11.09 -13.28 17.89
N LEU A 328 -10.09 -13.76 17.16
CA LEU A 328 -9.19 -14.77 17.71
C LEU A 328 -7.73 -14.37 17.80
N GLY A 329 -7.32 -13.32 17.10
CA GLY A 329 -5.93 -12.93 17.05
C GLY A 329 -5.34 -12.52 18.40
N PHE A 330 -4.09 -12.92 18.60
CA PHE A 330 -3.19 -12.45 19.65
C PHE A 330 -3.15 -10.93 19.66
N ARG A 331 -3.09 -10.34 20.86
CA ARG A 331 -3.06 -8.89 21.05
C ARG A 331 -1.99 -8.49 22.07
N GLY A 332 -0.91 -9.27 22.12
CA GLY A 332 0.26 -8.97 22.95
C GLY A 332 1.32 -8.26 22.11
N ASN A 333 2.58 -8.68 22.24
CA ASN A 333 3.69 -8.13 21.48
C ASN A 333 3.25 -7.80 20.05
N ARG A 334 3.35 -6.52 19.67
CA ARG A 334 2.88 -6.07 18.35
C ARG A 334 3.57 -6.76 17.19
N GLN A 335 4.77 -7.27 17.42
CA GLN A 335 5.52 -7.99 16.38
C GLN A 335 4.96 -9.39 16.11
N LYS A 336 3.98 -9.81 16.90
CA LYS A 336 3.40 -11.15 16.74
C LYS A 336 1.88 -11.10 16.58
N CYS A 337 1.38 -9.98 16.06
CA CYS A 337 -0.06 -9.76 15.91
C CYS A 337 -0.59 -9.83 14.47
N ARG A 338 0.29 -9.86 13.47
CA ARG A 338 -0.20 -10.01 12.08
C ARG A 338 -0.88 -11.36 11.93
N MET A 339 -1.82 -11.45 10.99
CA MET A 339 -2.68 -12.63 10.88
C MET A 339 -1.90 -13.94 10.69
N MET A 340 -0.76 -13.92 10.01
CA MET A 340 -0.01 -15.17 9.83
C MET A 340 0.31 -15.84 11.16
N TRP A 341 0.53 -15.05 12.22
CA TRP A 341 0.81 -15.62 13.53
C TRP A 341 -0.38 -16.42 14.07
N LEU A 342 -1.59 -15.98 13.78
CA LEU A 342 -2.80 -16.73 14.13
C LEU A 342 -2.89 -18.03 13.34
N ILE A 343 -2.57 -17.95 12.05
CA ILE A 343 -2.57 -19.11 11.18
C ILE A 343 -1.56 -20.14 11.67
N ASP A 344 -0.38 -19.69 12.08
CA ASP A 344 0.60 -20.60 12.66
C ASP A 344 0.13 -21.22 13.97
N GLU A 345 -0.54 -20.44 14.80
CA GLU A 345 -1.01 -20.94 16.09
C GLU A 345 -2.11 -22.00 15.94
N LEU A 346 -3.08 -21.75 15.07
CA LEU A 346 -4.18 -22.69 14.85
C LEU A 346 -3.85 -23.77 13.83
N GLY A 347 -2.85 -23.52 12.99
CA GLY A 347 -2.64 -24.29 11.78
C GLY A 347 -3.59 -23.79 10.71
N VAL A 348 -3.18 -23.91 9.45
CA VAL A 348 -4.01 -23.38 8.37
C VAL A 348 -5.40 -24.04 8.32
N GLU A 349 -5.48 -25.34 8.63
CA GLU A 349 -6.76 -26.04 8.68
C GLU A 349 -7.66 -25.54 9.81
N GLY A 350 -7.07 -25.31 10.98
CA GLY A 350 -7.78 -24.76 12.12
C GLY A 350 -8.31 -23.36 11.82
N PHE A 351 -7.48 -22.55 11.18
CA PHE A 351 -7.91 -21.21 10.78
C PHE A 351 -9.01 -21.27 9.72
N ARG A 352 -8.83 -22.13 8.73
CA ARG A 352 -9.84 -22.35 7.69
C ARG A 352 -11.21 -22.68 8.28
N ALA A 353 -11.24 -23.54 9.30
CA ALA A 353 -12.49 -23.91 9.95
C ALA A 353 -13.18 -22.70 10.56
N GLU A 354 -12.38 -21.77 11.08
CA GLU A 354 -12.92 -20.53 11.65
C GLU A 354 -13.52 -19.60 10.59
N VAL A 355 -12.89 -19.55 9.41
CA VAL A 355 -13.43 -18.82 8.28
C VAL A 355 -14.74 -19.46 7.84
N GLU A 356 -14.71 -20.78 7.66
CA GLU A 356 -15.88 -21.54 7.21
C GLU A 356 -17.12 -21.34 8.10
N LYS A 357 -16.95 -21.36 9.42
CA LYS A 357 -18.11 -21.20 10.30
C LYS A 357 -18.70 -19.79 10.24
N ARG A 358 -17.93 -18.84 9.69
CA ARG A 358 -18.37 -17.45 9.57
C ARG A 358 -18.90 -17.09 8.18
N MET A 359 -18.93 -18.08 7.27
CA MET A 359 -19.51 -17.88 5.95
C MET A 359 -21.02 -18.07 6.01
N PRO A 360 -21.77 -17.37 5.13
CA PRO A 360 -23.20 -17.64 5.02
C PRO A 360 -23.45 -19.11 4.71
N GLN A 361 -24.38 -19.72 5.43
CA GLN A 361 -24.67 -21.17 5.33
C GLN A 361 -23.46 -22.03 5.67
N GLN A 362 -22.45 -21.41 6.29
CA GLN A 362 -21.22 -22.08 6.75
C GLN A 362 -20.57 -22.95 5.66
N GLN A 363 -20.57 -22.42 4.45
CA GLN A 363 -20.01 -23.14 3.30
C GLN A 363 -18.77 -22.45 2.73
N LEU A 364 -17.72 -23.24 2.56
CA LEU A 364 -16.46 -22.78 1.99
C LEU A 364 -15.83 -23.92 1.21
N GLU A 365 -15.89 -23.84 -0.12
CA GLU A 365 -15.36 -24.88 -0.98
C GLU A 365 -13.85 -24.92 -0.93
N ARG A 366 -13.28 -26.08 -1.25
CA ARG A 366 -11.84 -26.25 -1.34
C ARG A 366 -11.31 -25.56 -2.59
N ALA A 367 -10.01 -25.25 -2.60
CA ALA A 367 -9.40 -24.58 -3.75
C ALA A 367 -9.58 -25.36 -5.04
N SER A 368 -9.71 -24.64 -6.14
CA SER A 368 -9.69 -25.25 -7.46
C SER A 368 -8.27 -25.73 -7.74
N PRO A 369 -8.13 -26.94 -8.35
CA PRO A 369 -6.81 -27.51 -8.65
C PRO A 369 -5.92 -26.57 -9.47
N GLU A 370 -6.53 -25.77 -10.32
CA GLU A 370 -5.81 -24.79 -11.14
C GLU A 370 -6.45 -23.42 -11.03
N ASP A 371 -5.62 -22.38 -11.14
CA ASP A 371 -6.14 -21.03 -11.31
C ASP A 371 -5.90 -20.53 -12.75
N LEU A 372 -6.35 -19.31 -13.04
CA LEU A 372 -6.32 -18.78 -14.38
C LEU A 372 -5.04 -18.05 -14.74
N VAL A 373 -4.16 -17.87 -13.75
CA VAL A 373 -2.91 -17.15 -13.96
C VAL A 373 -1.93 -18.08 -14.68
N GLN A 374 -1.47 -17.65 -15.85
CA GLN A 374 -0.56 -18.43 -16.65
C GLN A 374 0.86 -18.25 -16.11
N LYS A 375 1.50 -19.37 -15.75
CA LYS A 375 2.86 -19.31 -15.22
C LYS A 375 3.89 -18.96 -16.31
N GLN A 376 3.58 -19.30 -17.56
CA GLN A 376 4.38 -18.84 -18.68
C GLN A 376 4.03 -17.39 -18.97
N TRP A 377 4.83 -16.50 -18.41
CA TRP A 377 4.57 -15.07 -18.52
C TRP A 377 5.81 -14.26 -18.19
N GLU A 378 5.96 -13.14 -18.91
CA GLU A 378 6.99 -12.14 -18.66
C GLU A 378 6.28 -10.86 -18.25
N ARG A 379 6.55 -10.38 -17.03
CA ARG A 379 5.99 -9.12 -16.54
C ARG A 379 6.17 -8.03 -17.59
N ARG A 380 5.09 -7.34 -17.92
CA ARG A 380 5.16 -6.33 -18.96
C ARG A 380 5.36 -4.91 -18.43
N ASP A 381 6.23 -4.18 -19.11
CA ASP A 381 6.41 -2.75 -18.87
C ASP A 381 5.07 -2.08 -19.20
N TYR A 382 4.57 -1.24 -18.30
CA TYR A 382 3.36 -0.46 -18.55
C TYR A 382 3.67 1.01 -18.82
N LEU A 383 4.93 1.40 -18.65
CA LEU A 383 5.31 2.76 -19.00
C LEU A 383 5.32 2.90 -20.52
N GLY A 384 5.01 4.11 -21.00
CA GLY A 384 4.91 4.36 -22.43
C GLY A 384 3.50 4.19 -22.95
N VAL A 385 3.36 4.20 -24.27
CA VAL A 385 2.06 4.15 -24.92
C VAL A 385 1.71 2.72 -25.30
N HIS A 386 0.50 2.29 -24.91
CA HIS A 386 0.04 0.92 -25.16
C HIS A 386 -1.40 0.93 -25.65
N PRO A 387 -1.71 0.08 -26.65
CA PRO A 387 -3.10 0.01 -27.11
C PRO A 387 -4.01 -0.66 -26.07
N GLN A 388 -5.21 -0.11 -25.93
CA GLN A 388 -6.23 -0.71 -25.06
C GLN A 388 -7.02 -1.77 -25.83
N LYS A 389 -7.79 -2.57 -25.10
CA LYS A 389 -8.68 -3.54 -25.75
C LYS A 389 -9.82 -2.85 -26.50
N GLN A 390 -10.12 -1.61 -26.11
CA GLN A 390 -11.09 -0.79 -26.86
C GLN A 390 -10.38 -0.19 -28.07
N GLU A 391 -10.81 -0.63 -29.26
CA GLU A 391 -10.16 -0.21 -30.50
C GLU A 391 -10.15 1.30 -30.65
N GLY A 392 -9.00 1.84 -31.02
CA GLY A 392 -8.83 3.27 -31.23
C GLY A 392 -8.37 4.04 -30.00
N TYR A 393 -8.13 3.31 -28.91
CA TYR A 393 -7.71 3.90 -27.64
C TYR A 393 -6.40 3.33 -27.14
N SER A 394 -5.65 4.19 -26.46
CA SER A 394 -4.38 3.82 -25.83
C SER A 394 -4.37 4.30 -24.39
N PHE A 395 -3.51 3.66 -23.58
CA PHE A 395 -3.12 4.23 -22.31
C PHE A 395 -1.67 4.67 -22.35
N ILE A 396 -1.29 5.59 -21.47
CA ILE A 396 0.10 5.97 -21.34
C ILE A 396 0.53 5.84 -19.89
N GLY A 397 1.62 5.13 -19.69
CA GLY A 397 2.27 5.05 -18.38
C GLY A 397 3.35 6.11 -18.27
N LEU A 398 3.28 6.89 -17.20
CA LEU A 398 4.23 7.99 -16.95
C LEU A 398 5.02 7.73 -15.67
N HIS A 399 6.32 7.92 -15.75
CA HIS A 399 7.20 7.75 -14.62
C HIS A 399 7.13 8.97 -13.71
N ILE A 400 6.83 8.73 -12.44
CA ILE A 400 6.83 9.78 -11.43
C ILE A 400 8.06 9.52 -10.55
N PRO A 401 9.12 10.34 -10.69
CA PRO A 401 10.34 10.04 -9.95
C PRO A 401 10.07 9.91 -8.44
N VAL A 402 10.39 8.73 -7.91
CA VAL A 402 10.15 8.33 -6.51
C VAL A 402 8.76 8.71 -5.96
N GLY A 403 7.76 8.79 -6.85
CA GLY A 403 6.37 9.00 -6.43
C GLY A 403 6.01 10.37 -5.89
N ARG A 404 6.93 11.33 -5.97
CA ARG A 404 6.78 12.63 -5.34
C ARG A 404 6.26 13.69 -6.30
N VAL A 405 5.19 14.37 -5.89
CA VAL A 405 4.62 15.45 -6.69
C VAL A 405 4.32 16.68 -5.84
N GLN A 406 4.34 17.84 -6.50
CA GLN A 406 3.89 19.09 -5.91
C GLN A 406 2.51 19.44 -6.46
N ALA A 407 1.88 20.44 -5.85
CA ALA A 407 0.53 20.85 -6.27
C ALA A 407 0.47 21.19 -7.76
N ASP A 408 1.46 21.93 -8.25
CA ASP A 408 1.46 22.32 -9.68
C ASP A 408 1.54 21.09 -10.58
N ASP A 409 2.33 20.09 -10.15
CA ASP A 409 2.46 18.84 -10.92
C ASP A 409 1.14 18.10 -11.00
N MET A 410 0.44 18.02 -9.86
CA MET A 410 -0.86 17.37 -9.81
C MET A 410 -1.88 18.04 -10.74
N ASP A 411 -1.92 19.36 -10.72
CA ASP A 411 -2.81 20.09 -11.63
C ASP A 411 -2.49 19.78 -13.09
N GLU A 412 -1.20 19.70 -13.41
CA GLU A 412 -0.81 19.42 -14.79
C GLU A 412 -1.21 18.00 -15.21
N LEU A 413 -1.01 17.03 -14.33
CA LEU A 413 -1.44 15.66 -14.62
C LEU A 413 -2.96 15.56 -14.78
N ALA A 414 -3.70 16.29 -13.94
CA ALA A 414 -5.15 16.36 -14.06
C ALA A 414 -5.57 16.99 -15.39
N ARG A 415 -4.86 18.03 -15.80
CA ARG A 415 -5.11 18.68 -17.09
C ARG A 415 -4.90 17.70 -18.25
N LEU A 416 -3.80 16.96 -18.22
CA LEU A 416 -3.54 15.94 -19.24
C LEU A 416 -4.65 14.89 -19.30
N ALA A 417 -5.08 14.43 -18.13
CA ALA A 417 -6.14 13.43 -18.08
C ALA A 417 -7.44 13.94 -18.71
N ASP A 418 -7.75 15.22 -18.51
CA ASP A 418 -8.92 15.84 -19.12
C ASP A 418 -8.78 16.08 -20.62
N GLU A 419 -7.63 16.58 -21.05
CA GLU A 419 -7.42 16.94 -22.44
C GLU A 419 -7.25 15.72 -23.33
N TYR A 420 -6.58 14.69 -22.79
CA TYR A 420 -6.20 13.53 -23.58
C TYR A 420 -6.98 12.27 -23.26
N GLY A 421 -7.34 12.09 -21.98
CA GLY A 421 -8.03 10.89 -21.54
C GLY A 421 -9.49 11.14 -21.23
N SER A 422 -9.97 10.51 -20.16
CA SER A 422 -11.35 10.61 -19.73
C SER A 422 -11.45 11.22 -18.34
N GLY A 423 -10.42 11.97 -17.95
CA GLY A 423 -10.37 12.55 -16.61
C GLY A 423 -9.95 11.55 -15.54
N GLU A 424 -9.41 10.41 -15.94
CA GLU A 424 -8.97 9.37 -15.01
C GLU A 424 -7.45 9.33 -14.91
N ILE A 425 -6.95 9.19 -13.69
CA ILE A 425 -5.53 8.97 -13.43
C ILE A 425 -5.43 7.73 -12.55
N ARG A 426 -4.59 6.77 -12.96
CA ARG A 426 -4.40 5.55 -12.18
C ARG A 426 -3.02 5.56 -11.56
N LEU A 427 -2.95 5.12 -10.31
CA LEU A 427 -1.69 5.01 -9.60
C LEU A 427 -1.21 3.58 -9.61
N THR A 428 0.10 3.39 -9.58
CA THR A 428 0.68 2.05 -9.55
C THR A 428 1.51 1.84 -8.29
N VAL A 429 1.74 0.58 -7.95
CA VAL A 429 2.50 0.24 -6.75
C VAL A 429 4.01 0.53 -6.88
N GLU A 430 4.49 0.81 -8.09
CA GLU A 430 5.84 1.36 -8.28
C GLU A 430 5.82 2.88 -8.24
N GLN A 431 4.71 3.45 -7.75
CA GLN A 431 4.62 4.89 -7.51
C GLN A 431 4.71 5.68 -8.83
N ASN A 432 4.11 5.11 -9.87
CA ASN A 432 3.97 5.77 -11.17
C ASN A 432 2.48 6.01 -11.47
N ILE A 433 2.21 6.56 -12.65
CA ILE A 433 0.84 6.82 -13.06
C ILE A 433 0.55 6.24 -14.44
N ILE A 434 -0.72 5.93 -14.67
CA ILE A 434 -1.24 5.60 -16.00
C ILE A 434 -2.42 6.52 -16.28
N ILE A 435 -2.41 7.12 -17.48
CA ILE A 435 -3.58 7.87 -17.95
C ILE A 435 -4.22 7.03 -19.04
N PRO A 436 -5.40 6.44 -18.75
CA PRO A 436 -6.09 5.60 -19.72
C PRO A 436 -7.04 6.35 -20.63
N ASN A 437 -7.56 5.63 -21.62
CA ASN A 437 -8.69 6.08 -22.44
C ASN A 437 -8.35 7.29 -23.31
N ILE A 438 -7.17 7.24 -23.92
CA ILE A 438 -6.70 8.29 -24.81
C ILE A 438 -6.95 7.86 -26.25
N GLU A 439 -7.72 8.65 -26.99
CA GLU A 439 -7.87 8.40 -28.42
C GLU A 439 -6.48 8.35 -29.04
N THR A 440 -6.17 7.27 -29.73
CA THR A 440 -4.80 7.04 -30.21
C THR A 440 -4.28 8.15 -31.13
N SER A 441 -5.18 8.79 -31.86
CA SER A 441 -4.81 9.90 -32.75
C SER A 441 -4.24 11.11 -32.00
N LYS A 442 -4.48 11.18 -30.68
CA LYS A 442 -3.99 12.28 -29.85
C LYS A 442 -2.59 12.05 -29.30
N ILE A 443 -2.07 10.83 -29.44
CA ILE A 443 -0.79 10.45 -28.84
C ILE A 443 0.38 11.32 -29.33
N GLU A 444 0.44 11.58 -30.64
CA GLU A 444 1.50 12.41 -31.20
C GLU A 444 1.60 13.77 -30.49
N ALA A 445 0.46 14.42 -30.30
CA ALA A 445 0.42 15.69 -29.58
C ALA A 445 0.80 15.53 -28.11
N LEU A 446 0.30 14.47 -27.47
CA LEU A 446 0.60 14.21 -26.06
C LEU A 446 2.09 14.11 -25.80
N LEU A 447 2.80 13.41 -26.69
CA LEU A 447 4.22 13.17 -26.48
C LEU A 447 5.06 14.45 -26.52
N LYS A 448 4.48 15.52 -27.08
CA LYS A 448 5.15 16.82 -27.16
C LYS A 448 4.86 17.72 -25.95
N GLU A 449 4.00 17.26 -25.04
CA GLU A 449 3.64 18.05 -23.87
C GLU A 449 4.87 18.27 -22.98
N PRO A 450 5.18 19.54 -22.66
CA PRO A 450 6.37 19.82 -21.85
C PRO A 450 6.49 19.01 -20.56
N VAL A 451 5.39 18.77 -19.86
CA VAL A 451 5.47 18.07 -18.58
C VAL A 451 6.00 16.63 -18.72
N LEU A 452 5.87 16.04 -19.91
CA LEU A 452 6.39 14.69 -20.14
C LEU A 452 7.92 14.62 -20.16
N SER A 453 8.60 15.77 -20.14
CA SER A 453 10.05 15.76 -19.95
C SER A 453 10.42 15.45 -18.50
N THR A 454 9.50 15.74 -17.59
CA THR A 454 9.68 15.48 -16.16
C THR A 454 9.06 14.14 -15.75
N PHE A 455 7.83 13.91 -16.21
CA PHE A 455 7.11 12.67 -15.95
C PHE A 455 7.04 11.91 -17.27
N SER A 456 8.09 11.14 -17.51
CA SER A 456 8.38 10.62 -18.85
C SER A 456 7.72 9.29 -19.14
N PRO A 457 7.22 9.12 -20.38
CA PRO A 457 6.75 7.79 -20.79
C PRO A 457 7.87 6.80 -21.06
N ASP A 458 9.11 7.27 -21.12
CA ASP A 458 10.23 6.37 -21.40
C ASP A 458 11.51 6.85 -20.71
N PRO A 459 11.53 6.79 -19.37
CA PRO A 459 12.73 7.17 -18.65
C PRO A 459 13.76 6.05 -18.78
N PRO A 460 15.01 6.30 -18.34
CA PRO A 460 15.98 5.21 -18.31
C PRO A 460 15.47 4.01 -17.53
N ILE A 461 15.91 2.81 -17.92
CA ILE A 461 15.34 1.56 -17.41
C ILE A 461 15.41 1.41 -15.89
N LEU A 462 16.49 1.87 -15.26
CA LEU A 462 16.59 1.76 -13.80
C LEU A 462 15.57 2.64 -13.07
N MET A 463 15.24 3.78 -13.67
CA MET A 463 14.19 4.65 -13.12
C MET A 463 12.81 4.00 -13.20
N LYS A 464 12.55 3.27 -14.28
CA LYS A 464 11.29 2.56 -14.48
C LYS A 464 10.97 1.64 -13.30
N GLY A 465 12.02 1.02 -12.74
CA GLY A 465 11.85 0.04 -11.68
C GLY A 465 12.12 0.54 -10.27
N LEU A 466 12.45 1.83 -10.13
CA LEU A 466 12.85 2.40 -8.85
C LEU A 466 11.65 2.71 -7.95
N VAL A 467 11.71 2.20 -6.72
CA VAL A 467 10.66 2.38 -5.71
C VAL A 467 11.33 2.85 -4.42
N ALA A 468 10.76 3.85 -3.75
CA ALA A 468 11.36 4.39 -2.52
C ALA A 468 10.28 4.83 -1.55
N CYS A 469 10.45 4.49 -0.28
CA CYS A 469 9.51 4.94 0.75
C CYS A 469 9.75 6.40 1.13
N THR A 470 8.84 6.93 1.94
CA THR A 470 8.93 8.27 2.49
C THR A 470 10.31 8.66 3.02
N GLY A 471 10.86 7.82 3.89
CA GLY A 471 12.15 8.11 4.52
C GLY A 471 12.08 9.29 5.48
N ASN A 472 13.26 9.72 5.93
CA ASN A 472 13.31 10.63 7.07
C ASN A 472 12.97 12.09 6.79
N GLN A 473 12.65 12.43 5.54
CA GLN A 473 12.12 13.76 5.29
C GLN A 473 10.86 14.00 6.13
N PHE A 474 10.02 12.97 6.27
CA PHE A 474 8.77 13.08 7.04
C PHE A 474 8.54 11.99 8.09
N CYS A 475 9.06 10.79 7.83
CA CYS A 475 8.75 9.64 8.67
C CYS A 475 9.67 9.59 9.88
N GLY A 476 9.07 9.48 11.06
CA GLY A 476 9.83 9.48 12.32
C GLY A 476 10.58 8.19 12.59
N GLN A 477 10.19 7.11 11.93
CA GLN A 477 10.87 5.83 12.11
C GLN A 477 12.09 5.69 11.22
N ALA A 478 12.15 6.50 10.18
CA ALA A 478 13.22 6.39 9.18
C ALA A 478 14.59 6.59 9.78
N ILE A 479 15.52 5.74 9.37
CA ILE A 479 16.91 5.85 9.80
C ILE A 479 17.71 6.75 8.85
N ILE A 480 17.28 6.78 7.57
CA ILE A 480 17.98 7.54 6.53
C ILE A 480 16.99 8.32 5.67
N GLU A 481 17.53 9.26 4.89
CA GLU A 481 16.81 9.89 3.81
C GLU A 481 16.79 8.91 2.63
N THR A 482 15.62 8.76 2.01
CA THR A 482 15.46 7.75 0.95
C THR A 482 15.21 8.34 -0.44
N LYS A 483 14.21 9.21 -0.56
CA LYS A 483 13.74 9.61 -1.88
C LYS A 483 14.79 10.39 -2.70
N ALA A 484 15.36 11.44 -2.12
CA ALA A 484 16.39 12.21 -2.82
C ALA A 484 17.65 11.36 -3.07
N ARG A 485 18.06 10.61 -2.07
CA ARG A 485 19.25 9.77 -2.16
C ARG A 485 19.11 8.71 -3.26
N SER A 486 17.97 8.03 -3.30
CA SER A 486 17.76 6.97 -4.26
C SER A 486 17.79 7.50 -5.69
N LEU A 487 17.23 8.69 -5.91
CA LEU A 487 17.29 9.31 -7.23
C LEU A 487 18.72 9.62 -7.62
N LYS A 488 19.47 10.21 -6.69
CA LYS A 488 20.85 10.60 -6.94
C LYS A 488 21.72 9.39 -7.28
N ILE A 489 21.60 8.34 -6.47
CA ILE A 489 22.39 7.14 -6.68
C ILE A 489 22.01 6.45 -7.99
N THR A 490 20.72 6.34 -8.25
CA THR A 490 20.26 5.67 -9.47
C THR A 490 20.75 6.42 -10.72
N GLU A 491 20.68 7.75 -10.67
CA GLU A 491 21.17 8.59 -11.78
C GLU A 491 22.66 8.36 -12.03
N GLU A 492 23.45 8.29 -10.96
CA GLU A 492 24.88 8.07 -11.10
C GLU A 492 25.20 6.67 -11.63
N VAL A 493 24.49 5.67 -11.13
CA VAL A 493 24.66 4.29 -11.60
C VAL A 493 24.37 4.20 -13.10
N GLN A 494 23.25 4.77 -13.54
CA GLN A 494 22.87 4.68 -14.94
C GLN A 494 23.77 5.48 -15.88
N ARG A 495 24.45 6.49 -15.35
CA ARG A 495 25.46 7.24 -16.11
C ARG A 495 26.66 6.33 -16.44
N GLN A 496 26.89 5.32 -15.61
CA GLN A 496 28.05 4.45 -15.75
C GLN A 496 27.81 3.17 -16.54
N VAL A 497 26.57 2.67 -16.52
CA VAL A 497 26.26 1.41 -17.20
C VAL A 497 24.95 1.49 -17.97
N SER A 498 24.91 0.77 -19.08
CA SER A 498 23.66 0.53 -19.80
C SER A 498 23.23 -0.90 -19.52
N LEU A 499 21.93 -1.17 -19.65
CA LEU A 499 21.43 -2.53 -19.53
C LEU A 499 20.06 -2.68 -20.15
N THR A 500 19.68 -3.93 -20.39
CA THR A 500 18.39 -4.23 -21.02
C THR A 500 17.44 -4.96 -20.07
N LYS A 501 17.97 -5.61 -19.05
CA LYS A 501 17.12 -6.28 -18.06
C LYS A 501 16.44 -5.25 -17.16
N PRO A 502 15.11 -5.40 -16.95
CA PRO A 502 14.35 -4.46 -16.13
C PRO A 502 14.57 -4.65 -14.62
N VAL A 503 15.78 -4.30 -14.18
CA VAL A 503 16.18 -4.45 -12.78
C VAL A 503 15.38 -3.50 -11.90
N ARG A 504 14.82 -4.06 -10.82
CA ARG A 504 13.97 -3.31 -9.91
C ARG A 504 14.69 -3.04 -8.61
N MET A 505 14.87 -1.76 -8.29
CA MET A 505 15.58 -1.33 -7.09
C MET A 505 14.62 -0.67 -6.13
N HIS A 506 14.61 -1.15 -4.90
CA HIS A 506 13.71 -0.64 -3.88
C HIS A 506 14.53 -0.09 -2.71
N TRP A 507 14.17 1.12 -2.27
CA TRP A 507 14.83 1.79 -1.15
C TRP A 507 13.84 1.98 -0.01
N THR A 508 14.18 1.47 1.17
CA THR A 508 13.30 1.61 2.33
C THR A 508 14.12 2.17 3.50
N GLY A 509 13.48 2.99 4.34
CA GLY A 509 14.21 3.79 5.31
C GLY A 509 14.46 3.16 6.67
N CYS A 510 13.75 2.06 6.95
CA CYS A 510 13.90 1.34 8.20
C CYS A 510 13.38 -0.09 8.01
N PRO A 511 13.57 -0.96 9.00
CA PRO A 511 13.13 -2.35 8.87
C PRO A 511 11.63 -2.61 8.67
N ASN A 512 10.77 -1.59 8.79
CA ASN A 512 9.35 -1.80 8.50
C ASN A 512 9.12 -2.17 7.03
N THR A 513 10.08 -1.83 6.18
CA THR A 513 10.12 -2.27 4.78
C THR A 513 8.84 -1.96 3.97
N CYS A 514 8.36 -0.73 4.16
CA CYS A 514 7.21 -0.22 3.42
C CYS A 514 7.46 -0.21 1.91
N ALA A 515 8.72 -0.04 1.52
CA ALA A 515 9.10 -0.11 0.11
C ALA A 515 9.58 -1.51 -0.28
N GLN A 516 9.28 -2.51 0.55
CA GLN A 516 9.29 -3.91 0.11
C GLN A 516 10.64 -4.35 -0.44
N VAL A 517 11.72 -4.12 0.29
CA VAL A 517 13.04 -4.45 -0.27
C VAL A 517 13.20 -5.94 -0.58
N GLN A 518 12.41 -6.76 0.12
CA GLN A 518 12.44 -8.21 -0.08
C GLN A 518 11.83 -8.65 -1.40
N VAL A 519 11.20 -7.74 -2.16
CA VAL A 519 10.74 -8.09 -3.51
C VAL A 519 11.70 -7.64 -4.61
N ALA A 520 12.71 -6.85 -4.24
CA ALA A 520 13.58 -6.18 -5.21
C ALA A 520 14.66 -7.08 -5.81
N ASP A 521 15.06 -6.77 -7.03
CA ASP A 521 16.31 -7.31 -7.57
C ASP A 521 17.50 -6.83 -6.74
N ILE A 522 17.51 -5.54 -6.41
CA ILE A 522 18.48 -5.00 -5.47
C ILE A 522 17.72 -4.09 -4.53
N GLY A 523 17.75 -4.44 -3.24
CA GLY A 523 17.06 -3.68 -2.22
C GLY A 523 18.03 -2.97 -1.30
N PHE A 524 17.60 -1.84 -0.74
CA PHE A 524 18.44 -1.02 0.12
C PHE A 524 17.63 -0.69 1.37
N MET A 525 18.06 -1.22 2.51
CA MET A 525 17.37 -0.94 3.77
C MET A 525 18.23 -0.02 4.62
N GLY A 526 17.68 1.14 4.97
CA GLY A 526 18.40 2.14 5.74
C GLY A 526 19.01 1.64 7.02
N CYS A 527 20.22 2.10 7.29
CA CYS A 527 20.92 1.83 8.53
C CYS A 527 21.89 2.97 8.80
N LEU A 528 22.37 3.08 10.03
CA LEU A 528 23.54 3.89 10.32
C LEU A 528 24.76 3.00 10.38
N THR A 529 25.84 3.49 9.81
CA THR A 529 27.07 2.71 9.74
C THR A 529 28.25 3.66 9.95
N ARG A 530 29.44 3.24 9.54
CA ARG A 530 30.66 3.99 9.83
C ARG A 530 31.51 4.14 8.58
N ASP A 531 32.10 5.31 8.40
CA ASP A 531 33.07 5.51 7.32
C ASP A 531 34.45 5.00 7.74
N LYS A 532 35.45 5.16 6.86
CA LYS A 532 36.82 4.68 7.12
C LYS A 532 37.44 5.26 8.40
N ASN A 533 36.96 6.42 8.82
CA ASN A 533 37.45 7.09 10.02
C ASN A 533 36.60 6.84 11.25
N GLY A 534 35.59 5.99 11.12
CA GLY A 534 34.71 5.65 12.24
C GLY A 534 33.63 6.68 12.51
N LYS A 535 33.41 7.59 11.57
CA LYS A 535 32.38 8.61 11.70
C LYS A 535 31.02 8.02 11.34
N THR A 536 29.99 8.43 12.07
CA THR A 536 28.62 8.03 11.77
C THR A 536 28.19 8.53 10.39
N VAL A 537 27.73 7.62 9.55
CA VAL A 537 27.22 7.96 8.22
C VAL A 537 25.97 7.15 7.92
N GLU A 538 25.11 7.68 7.06
CA GLU A 538 23.98 6.93 6.54
C GLU A 538 24.46 5.80 5.67
N GLY A 539 23.79 4.66 5.75
CA GLY A 539 24.14 3.49 4.97
C GLY A 539 22.92 2.70 4.57
N ALA A 540 23.17 1.61 3.87
CA ALA A 540 22.13 0.65 3.54
C ALA A 540 22.62 -0.77 3.70
N ASP A 541 21.75 -1.63 4.20
CA ASP A 541 21.91 -3.06 4.05
C ASP A 541 21.37 -3.42 2.67
N VAL A 542 22.19 -4.07 1.87
CA VAL A 542 21.85 -4.40 0.49
C VAL A 542 21.26 -5.80 0.42
N PHE A 543 20.07 -5.90 -0.18
CA PHE A 543 19.34 -7.15 -0.37
C PHE A 543 19.43 -7.61 -1.82
N LEU A 544 19.51 -8.92 -2.02
CA LEU A 544 19.40 -9.54 -3.34
C LEU A 544 18.43 -10.72 -3.27
N GLY A 545 17.89 -11.09 -4.43
CA GLY A 545 17.18 -12.36 -4.58
C GLY A 545 15.66 -12.25 -4.68
N GLY A 546 15.13 -11.03 -4.63
CA GLY A 546 13.68 -10.84 -4.71
C GLY A 546 13.19 -11.08 -6.11
N ARG A 547 12.11 -11.86 -6.24
CA ARG A 547 11.46 -12.11 -7.52
C ARG A 547 9.96 -11.87 -7.37
N ILE A 548 9.36 -11.33 -8.41
CA ILE A 548 7.93 -11.08 -8.42
C ILE A 548 7.27 -11.86 -9.56
N GLY A 549 5.96 -11.70 -9.75
CA GLY A 549 5.22 -12.53 -10.70
C GLY A 549 4.95 -13.92 -10.11
N SER A 550 4.64 -14.87 -10.98
CA SER A 550 4.28 -16.21 -10.51
C SER A 550 5.42 -16.93 -9.82
N ASP A 551 6.64 -16.72 -10.30
CA ASP A 551 7.81 -17.35 -9.71
C ASP A 551 8.42 -16.43 -8.65
N SER A 552 7.62 -16.11 -7.63
CA SER A 552 8.01 -15.15 -6.61
C SER A 552 9.00 -15.74 -5.62
N HIS A 553 9.77 -14.87 -4.99
CA HIS A 553 10.76 -15.26 -4.02
C HIS A 553 11.12 -14.05 -3.18
N LEU A 554 11.36 -14.27 -1.90
CA LEU A 554 11.76 -13.18 -1.02
C LEU A 554 13.27 -13.04 -0.96
N GLY A 555 13.75 -11.83 -1.24
CA GLY A 555 15.17 -11.50 -1.14
C GLY A 555 15.64 -11.46 0.29
N GLU A 556 16.96 -11.54 0.46
CA GLU A 556 17.59 -11.56 1.77
C GLU A 556 18.81 -10.66 1.76
N VAL A 557 19.26 -10.27 2.94
CA VAL A 557 20.44 -9.42 3.06
C VAL A 557 21.66 -10.08 2.41
N TYR A 558 22.33 -9.31 1.56
CA TYR A 558 23.53 -9.74 0.87
C TYR A 558 24.78 -9.12 1.49
N LYS A 559 24.71 -7.82 1.78
CA LYS A 559 25.83 -7.12 2.39
C LYS A 559 25.31 -6.03 3.32
N LYS A 560 25.70 -6.12 4.58
CA LYS A 560 25.24 -5.19 5.60
C LYS A 560 26.10 -3.93 5.62
N ALA A 561 25.47 -2.84 6.05
CA ALA A 561 26.19 -1.67 6.56
C ALA A 561 27.06 -0.95 5.54
N VAL A 562 26.61 -0.87 4.29
CA VAL A 562 27.36 -0.18 3.26
C VAL A 562 27.08 1.32 3.34
N PRO A 563 28.12 2.15 3.58
CA PRO A 563 27.87 3.60 3.57
C PRO A 563 27.21 4.02 2.25
N CYS A 564 26.20 4.90 2.35
CA CYS A 564 25.45 5.32 1.17
C CYS A 564 26.37 5.92 0.11
N ASP A 565 27.42 6.60 0.56
CA ASP A 565 28.42 7.21 -0.34
C ASP A 565 29.26 6.18 -1.10
N ASP A 566 29.15 4.90 -0.72
CA ASP A 566 29.92 3.80 -1.35
C ASP A 566 29.04 2.87 -2.19
N LEU A 567 27.75 3.20 -2.31
CA LEU A 567 26.82 2.32 -3.00
C LEU A 567 26.98 2.30 -4.51
N VAL A 568 27.33 3.43 -5.11
CA VAL A 568 27.41 3.48 -6.58
C VAL A 568 28.33 2.38 -7.16
N PRO A 569 29.61 2.32 -6.73
CA PRO A 569 30.47 1.26 -7.29
C PRO A 569 29.97 -0.16 -6.99
N LEU A 570 29.42 -0.37 -5.80
CA LEU A 570 28.88 -1.68 -5.45
C LEU A 570 27.75 -2.09 -6.40
N VAL A 571 26.85 -1.15 -6.66
CA VAL A 571 25.67 -1.40 -7.49
C VAL A 571 26.06 -1.54 -8.96
N VAL A 572 26.95 -0.67 -9.44
CA VAL A 572 27.47 -0.78 -10.80
C VAL A 572 28.04 -2.19 -11.04
N ASP A 573 28.85 -2.67 -10.11
CA ASP A 573 29.47 -3.99 -10.26
C ASP A 573 28.43 -5.11 -10.18
N LEU A 574 27.47 -4.99 -9.25
CA LEU A 574 26.37 -5.97 -9.19
C LEU A 574 25.60 -6.06 -10.50
N LEU A 575 25.34 -4.90 -11.12
CA LEU A 575 24.58 -4.88 -12.37
C LEU A 575 25.36 -5.53 -13.52
N VAL A 576 26.66 -5.24 -13.61
CA VAL A 576 27.50 -5.84 -14.63
C VAL A 576 27.63 -7.35 -14.41
N ASN A 577 27.85 -7.74 -13.16
CA ASN A 577 28.17 -9.13 -12.85
C ASN A 577 26.96 -10.06 -12.80
N ASN A 578 25.79 -9.51 -12.51
CA ASN A 578 24.61 -10.34 -12.29
C ASN A 578 23.41 -10.03 -13.16
N PHE A 579 23.43 -8.88 -13.84
CA PHE A 579 22.26 -8.44 -14.61
C PHE A 579 22.60 -7.99 -16.02
N GLY A 580 23.78 -8.37 -16.51
CA GLY A 580 24.15 -8.14 -17.90
C GLY A 580 24.43 -6.70 -18.29
N ALA A 581 24.62 -5.81 -17.31
CA ALA A 581 24.92 -4.42 -17.62
C ALA A 581 26.30 -4.26 -18.25
N VAL A 582 26.46 -3.23 -19.07
CA VAL A 582 27.70 -2.99 -19.79
C VAL A 582 28.19 -1.59 -19.44
N PRO A 583 29.47 -1.47 -19.01
CA PRO A 583 30.03 -0.13 -18.77
C PRO A 583 29.94 0.75 -20.03
N ARG A 584 29.60 2.01 -19.83
CA ARG A 584 29.49 2.96 -20.94
C ARG A 584 30.87 3.40 -21.43
#